data_3RQH
#
_entry.id   3RQH
#
_cell.length_a   91.750
_cell.length_b   91.750
_cell.length_c   169.703
_cell.angle_alpha   90.000
_cell.angle_beta   90.000
_cell.angle_gamma   90.000
#
_symmetry.space_group_name_H-M   'I 4 2 2'
#
loop_
_entity.id
_entity.type
_entity.pdbx_description
1 polymer 'ADP/ATP-DEPENDENT NAD(P)H-HYDRATE DEHYDRATASE'
2 non-polymer 'MAGNESIUM ION'
3 non-polymer "P1,P6-Di(adenosine-5') hexaphosphate"
4 water water
#
_entity_poly.entity_id   1
_entity_poly.type   'polypeptide(L)'
_entity_poly.pdbx_seq_one_letter_code
;SNAMNVPFWTEEHVRATLPERDAESHKGTYGTALLLAGSDDMPGAALLAGLGAMRSGLGKLVIGTSENVIPLIVPVLPEA
TYWRDGWKKAADAQLEETYRAIAIGPGLPQTESVQQAVDHVLTADCPVILDAGALAKRTYPKREGPVILTPHPGEFFRMT
GVPVNELQKKRAEYAKEWAAQLQTVIVLKGNQTVIAFPDGDCWLNPTGNGALAKGGTGDTLTGMILGMLCCHEDPKHAVL
NAVYLHGACAELWTDEHSAHTLLAHELSDILPRVWKRFE
;
_entity_poly.pdbx_strand_id   A
#
loop_
_chem_comp.id
_chem_comp.type
_chem_comp.name
_chem_comp.formula
B6P non-polymer 'P1,P6-Di(adenosine-5') hexaphosphate' 'C20 H30 N10 O25 P6'
MG non-polymer 'MAGNESIUM ION' 'Mg 2'
#
# COMPACT_ATOMS: atom_id res chain seq x y z
N ALA A 3 4.08 8.96 -23.57
CA ALA A 3 5.31 9.44 -24.25
C ALA A 3 6.37 8.36 -24.31
N MET A 4 6.46 7.57 -23.24
CA MET A 4 7.42 6.46 -23.19
C MET A 4 6.73 5.11 -23.59
N ASN A 5 5.48 5.23 -24.05
CA ASN A 5 4.64 4.06 -24.28
C ASN A 5 4.71 3.03 -23.14
N VAL A 6 4.31 3.45 -21.97
CA VAL A 6 4.25 2.55 -20.86
C VAL A 6 2.96 1.74 -20.98
N PRO A 7 3.04 0.41 -20.86
CA PRO A 7 1.83 -0.42 -21.04
C PRO A 7 0.90 -0.36 -19.86
N PHE A 8 -0.40 -0.59 -20.11
CA PHE A 8 -1.35 -0.68 -19.01
C PHE A 8 -1.34 -2.09 -18.41
N TRP A 9 -1.46 -2.18 -17.08
CA TRP A 9 -1.71 -3.48 -16.45
C TRP A 9 -3.19 -3.81 -16.63
N THR A 10 -3.50 -4.68 -17.61
CA THR A 10 -4.88 -4.88 -18.04
C THR A 10 -5.60 -6.00 -17.31
N GLU A 11 -6.90 -6.03 -17.49
CA GLU A 11 -7.74 -7.10 -16.99
C GLU A 11 -7.16 -8.46 -17.26
N GLU A 12 -6.60 -8.65 -18.44
CA GLU A 12 -6.05 -9.92 -18.80
C GLU A 12 -4.87 -10.29 -17.91
N HIS A 13 -4.04 -9.33 -17.65
CA HIS A 13 -2.92 -9.53 -16.75
C HIS A 13 -3.35 -9.83 -15.31
N VAL A 14 -4.35 -9.13 -14.84
CA VAL A 14 -4.89 -9.36 -13.50
C VAL A 14 -5.43 -10.80 -13.42
N ARG A 15 -6.25 -11.18 -14.41
CA ARG A 15 -6.83 -12.51 -14.39
C ARG A 15 -5.82 -13.63 -14.38
N ALA A 16 -4.71 -13.41 -15.09
CA ALA A 16 -3.66 -14.40 -15.25
C ALA A 16 -2.77 -14.54 -14.02
N THR A 17 -2.81 -13.56 -13.11
CA THR A 17 -1.88 -13.48 -11.99
C THR A 17 -2.50 -13.51 -10.60
N LEU A 18 -3.81 -13.36 -10.49
CA LEU A 18 -4.43 -13.43 -9.18
C LEU A 18 -4.31 -14.85 -8.64
N PRO A 19 -4.06 -14.97 -7.35
CA PRO A 19 -3.79 -16.29 -6.77
C PRO A 19 -5.07 -17.03 -6.42
N GLU A 20 -4.97 -18.34 -6.32
CA GLU A 20 -6.07 -19.20 -5.84
C GLU A 20 -6.00 -19.30 -4.35
N ARG A 21 -7.12 -19.54 -3.71
CA ARG A 21 -7.04 -19.80 -2.26
C ARG A 21 -7.46 -21.23 -2.06
N ASP A 22 -6.51 -22.14 -2.00
CA ASP A 22 -6.90 -23.53 -2.18
C ASP A 22 -7.50 -24.13 -0.89
N ALA A 23 -8.26 -25.19 -1.09
CA ALA A 23 -8.96 -25.95 -0.04
C ALA A 23 -8.06 -26.38 1.10
N GLU A 24 -6.84 -26.78 0.75
CA GLU A 24 -5.90 -27.35 1.73
C GLU A 24 -5.04 -26.29 2.41
N SER A 25 -5.46 -25.03 2.41
CA SER A 25 -4.64 -23.99 3.04
C SER A 25 -5.06 -23.70 4.48
N HIS A 26 -4.18 -23.04 5.21
CA HIS A 26 -4.49 -22.58 6.55
C HIS A 26 -4.00 -21.15 6.63
N LYS A 27 -4.33 -20.44 7.68
CA LYS A 27 -3.98 -19.00 7.68
C LYS A 27 -2.45 -18.75 7.54
N GLY A 28 -1.65 -19.66 8.12
CA GLY A 28 -0.18 -19.62 7.91
C GLY A 28 0.29 -19.61 6.47
N THR A 29 -0.43 -20.32 5.57
CA THR A 29 -0.13 -20.27 4.18
C THR A 29 -0.08 -18.85 3.67
N TYR A 30 -0.97 -18.02 4.19
CA TYR A 30 -1.14 -16.66 3.67
C TYR A 30 -0.43 -15.60 4.50
N GLY A 31 0.26 -16.01 5.54
CA GLY A 31 1.19 -15.16 6.25
C GLY A 31 0.60 -14.15 7.21
N THR A 32 1.48 -13.59 8.01
CA THR A 32 1.14 -12.51 8.92
C THR A 32 1.76 -11.21 8.40
N ALA A 33 0.93 -10.20 8.28
CA ALA A 33 1.36 -8.89 7.91
C ALA A 33 1.45 -7.99 9.14
N LEU A 34 2.36 -7.04 9.08
CA LEU A 34 2.50 -6.02 10.12
C LEU A 34 2.15 -4.68 9.48
N LEU A 35 1.22 -3.96 10.11
CA LEU A 35 0.87 -2.59 9.70
C LEU A 35 1.25 -1.59 10.78
N LEU A 36 2.18 -0.73 10.48
CA LEU A 36 2.65 0.33 11.40
C LEU A 36 2.04 1.66 10.99
N ALA A 37 0.92 2.03 11.66
CA ALA A 37 0.06 3.08 11.15
C ALA A 37 -0.80 3.61 12.26
N GLY A 38 -1.25 4.85 12.09
CA GLY A 38 -2.24 5.46 12.94
C GLY A 38 -1.62 6.10 14.19
N SER A 39 -1.90 7.34 14.39
CA SER A 39 -1.37 8.06 15.55
C SER A 39 -2.55 8.75 16.17
N ASP A 40 -2.36 9.28 17.39
CA ASP A 40 -3.47 9.85 18.13
C ASP A 40 -4.01 10.98 17.33
N ASP A 41 -3.13 11.65 16.62
CA ASP A 41 -3.56 12.78 15.83
C ASP A 41 -4.21 12.37 14.48
N MET A 42 -3.81 11.24 13.89
CA MET A 42 -4.37 10.78 12.60
C MET A 42 -4.76 9.28 12.71
N PRO A 43 -5.83 8.99 13.45
CA PRO A 43 -6.11 7.61 13.82
C PRO A 43 -6.75 6.81 12.67
N GLY A 44 -7.57 7.47 11.86
CA GLY A 44 -8.37 6.77 10.85
C GLY A 44 -7.59 6.00 9.85
N ALA A 45 -6.40 6.48 9.52
CA ALA A 45 -5.55 5.81 8.56
C ALA A 45 -5.29 4.34 8.92
N ALA A 46 -5.16 4.05 10.22
CA ALA A 46 -4.95 2.68 10.63
C ALA A 46 -6.17 1.78 10.38
N LEU A 47 -7.38 2.32 10.60
CA LEU A 47 -8.55 1.55 10.32
C LEU A 47 -8.68 1.30 8.80
N LEU A 48 -8.43 2.36 8.02
CA LEU A 48 -8.56 2.23 6.57
C LEU A 48 -7.56 1.21 6.00
N ALA A 49 -6.31 1.35 6.39
CA ALA A 49 -5.30 0.45 5.92
C ALA A 49 -5.51 -0.96 6.49
N GLY A 50 -5.97 -1.06 7.73
CA GLY A 50 -6.26 -2.36 8.32
C GLY A 50 -7.32 -3.14 7.58
N LEU A 51 -8.40 -2.46 7.26
CA LEU A 51 -9.51 -3.03 6.54
C LEU A 51 -9.03 -3.46 5.15
N GLY A 52 -8.28 -2.60 4.48
CA GLY A 52 -7.77 -2.93 3.14
C GLY A 52 -6.92 -4.17 3.18
N ALA A 53 -6.05 -4.25 4.19
CA ALA A 53 -5.11 -5.41 4.34
C ALA A 53 -5.88 -6.70 4.60
N MET A 54 -6.79 -6.69 5.57
CA MET A 54 -7.48 -7.95 5.93
C MET A 54 -8.44 -8.40 4.83
N ARG A 55 -8.95 -7.42 4.03
CA ARG A 55 -9.74 -7.76 2.88
C ARG A 55 -8.92 -8.39 1.73
N SER A 56 -7.60 -8.26 1.76
CA SER A 56 -6.79 -8.55 0.60
C SER A 56 -5.96 -9.82 0.68
N GLY A 57 -6.47 -10.83 1.40
CA GLY A 57 -5.95 -12.20 1.29
C GLY A 57 -4.80 -12.63 2.15
N LEU A 58 -4.44 -11.81 3.15
CA LEU A 58 -3.50 -12.23 4.15
C LEU A 58 -4.07 -13.32 5.07
N GLY A 59 -3.24 -13.90 5.91
CA GLY A 59 -3.71 -14.87 6.90
C GLY A 59 -3.95 -14.22 8.26
N LYS A 60 -3.03 -13.39 8.70
CA LYS A 60 -3.19 -12.65 9.97
C LYS A 60 -2.69 -11.21 9.81
N LEU A 61 -3.25 -10.28 10.60
CA LEU A 61 -2.79 -8.91 10.62
C LEU A 61 -2.46 -8.52 12.08
N VAL A 62 -1.27 -7.98 12.26
CA VAL A 62 -0.84 -7.29 13.50
C VAL A 62 -0.73 -5.80 13.16
N ILE A 63 -1.50 -4.99 13.89
CA ILE A 63 -1.51 -3.53 13.74
C ILE A 63 -0.69 -2.95 14.88
N GLY A 64 0.44 -2.33 14.54
CA GLY A 64 1.29 -1.61 15.52
C GLY A 64 0.91 -0.14 15.53
N THR A 65 -0.15 0.18 16.24
CA THR A 65 -0.68 1.52 16.26
C THR A 65 -0.54 2.06 17.66
N SER A 66 -0.77 3.35 17.79
CA SER A 66 -0.83 3.98 19.10
C SER A 66 -1.87 3.34 19.99
N GLU A 67 -1.58 3.27 21.28
CA GLU A 67 -2.42 2.62 22.22
C GLU A 67 -3.86 3.13 22.17
N ASN A 68 -4.02 4.45 22.10
CA ASN A 68 -5.36 5.06 22.06
C ASN A 68 -6.14 4.87 20.76
N VAL A 69 -5.48 4.37 19.73
CA VAL A 69 -6.14 4.08 18.45
C VAL A 69 -6.75 2.69 18.44
N ILE A 70 -6.08 1.76 19.14
CA ILE A 70 -6.58 0.37 19.21
C ILE A 70 -8.11 0.27 19.43
N PRO A 71 -8.65 0.91 20.44
CA PRO A 71 -10.12 0.78 20.68
C PRO A 71 -11.02 1.27 19.55
N LEU A 72 -10.47 2.12 18.67
CA LEU A 72 -11.19 2.65 17.54
C LEU A 72 -11.26 1.70 16.39
N ILE A 73 -10.32 0.73 16.33
CA ILE A 73 -10.27 -0.26 15.27
C ILE A 73 -11.11 -1.51 15.57
N VAL A 74 -11.01 -1.93 16.82
CA VAL A 74 -11.62 -3.23 17.26
C VAL A 74 -13.07 -3.45 16.85
N PRO A 75 -13.96 -2.46 17.04
CA PRO A 75 -15.36 -2.70 16.75
C PRO A 75 -15.63 -2.82 15.27
N VAL A 76 -14.73 -2.28 14.45
CA VAL A 76 -14.89 -2.37 13.00
C VAL A 76 -14.13 -3.55 12.37
N LEU A 77 -13.01 -3.92 12.98
CA LEU A 77 -12.10 -4.91 12.45
C LEU A 77 -11.66 -5.81 13.60
N PRO A 78 -12.60 -6.59 14.17
CA PRO A 78 -12.25 -7.38 15.33
C PRO A 78 -11.29 -8.55 15.01
N GLU A 79 -11.02 -8.78 13.72
CA GLU A 79 -10.10 -9.84 13.29
C GLU A 79 -8.62 -9.50 13.41
N ALA A 80 -8.31 -8.20 13.58
CA ALA A 80 -6.94 -7.75 13.72
C ALA A 80 -6.44 -7.96 15.15
N THR A 81 -5.15 -8.19 15.25
CA THR A 81 -4.48 -8.19 16.58
C THR A 81 -3.52 -7.03 16.58
N TYR A 82 -2.88 -6.80 17.74
CA TYR A 82 -2.16 -5.53 17.94
C TYR A 82 -0.75 -5.73 18.49
N TRP A 83 0.12 -4.80 18.15
CA TRP A 83 1.39 -4.56 18.81
C TRP A 83 1.22 -3.18 19.40
N ARG A 84 1.00 -3.10 20.71
CA ARG A 84 0.67 -1.81 21.32
C ARG A 84 1.82 -0.80 21.15
N ASP A 85 1.52 0.41 20.64
CA ASP A 85 2.51 1.45 20.32
C ASP A 85 3.63 0.91 19.43
N GLY A 86 3.24 0.02 18.50
CA GLY A 86 4.22 -0.68 17.72
C GLY A 86 5.09 0.18 16.84
N TRP A 87 4.51 1.21 16.20
CA TRP A 87 5.30 2.06 15.30
C TRP A 87 6.32 2.86 16.09
N LYS A 88 5.99 3.16 17.34
CA LYS A 88 6.91 3.87 18.19
C LYS A 88 8.02 2.93 18.70
N LYS A 89 7.62 1.74 19.17
CA LYS A 89 8.56 0.73 19.63
C LYS A 89 9.54 0.32 18.54
N ALA A 90 9.10 0.35 17.28
CA ALA A 90 9.98 -0.05 16.17
C ALA A 90 11.12 0.94 15.92
N ALA A 91 11.00 2.16 16.42
CA ALA A 91 12.10 3.13 16.40
C ALA A 91 13.31 2.64 17.22
N ASP A 92 13.05 1.84 18.26
CA ASP A 92 14.03 1.44 19.22
C ASP A 92 14.46 0.00 19.08
N ALA A 93 13.61 -0.83 18.49
CA ALA A 93 13.81 -2.30 18.59
C ALA A 93 14.00 -2.89 17.21
N GLN A 94 14.81 -3.91 17.07
CA GLN A 94 14.86 -4.65 15.79
C GLN A 94 13.57 -5.43 15.80
N LEU A 95 12.98 -5.71 14.65
CA LEU A 95 11.83 -6.59 14.66
C LEU A 95 12.25 -8.04 15.06
N GLU A 96 11.60 -8.58 16.10
CA GLU A 96 11.86 -9.94 16.61
C GLU A 96 11.17 -11.01 15.81
N GLU A 97 9.96 -10.67 15.34
CA GLU A 97 9.08 -11.62 14.69
C GLU A 97 9.31 -11.52 13.19
N THR A 98 8.93 -12.61 12.50
CA THR A 98 8.95 -12.75 11.08
C THR A 98 7.55 -12.46 10.47
N TYR A 99 7.56 -11.54 9.54
CA TYR A 99 6.34 -11.15 8.88
C TYR A 99 6.45 -11.43 7.41
N ARG A 100 5.33 -11.78 6.81
CA ARG A 100 5.24 -11.99 5.39
C ARG A 100 5.45 -10.67 4.61
N ALA A 101 4.93 -9.59 5.16
CA ALA A 101 5.10 -8.26 4.59
C ALA A 101 4.85 -7.19 5.65
N ILE A 102 5.39 -6.00 5.46
CA ILE A 102 5.24 -4.90 6.40
C ILE A 102 4.85 -3.63 5.67
N ALA A 103 3.92 -2.84 6.22
CA ALA A 103 3.72 -1.48 5.76
C ALA A 103 3.90 -0.52 6.90
N ILE A 104 4.47 0.64 6.60
CA ILE A 104 4.64 1.69 7.57
C ILE A 104 4.31 3.06 6.98
N GLY A 105 3.61 3.87 7.77
CA GLY A 105 3.47 5.29 7.48
C GLY A 105 2.09 5.95 7.47
N PRO A 106 1.05 5.22 7.02
CA PRO A 106 -0.29 5.88 7.03
C PRO A 106 -0.62 6.43 8.40
N GLY A 107 -1.03 7.70 8.43
CA GLY A 107 -1.34 8.33 9.72
C GLY A 107 -0.20 8.59 10.68
N LEU A 108 1.05 8.49 10.20
CA LEU A 108 2.20 8.74 11.04
C LEU A 108 2.81 10.08 10.64
N PRO A 109 3.37 10.78 11.61
CA PRO A 109 4.02 12.08 11.34
C PRO A 109 5.33 11.92 10.63
N GLN A 110 5.74 12.97 9.95
CA GLN A 110 6.98 13.02 9.20
C GLN A 110 8.15 13.34 10.12
N THR A 111 8.53 12.42 11.01
CA THR A 111 9.54 12.71 12.01
C THR A 111 10.74 11.80 11.86
N GLU A 112 11.79 12.16 12.57
CA GLU A 112 13.00 11.38 12.61
C GLU A 112 12.75 10.00 13.22
N SER A 113 11.90 9.92 14.26
CA SER A 113 11.60 8.63 14.93
C SER A 113 10.90 7.65 14.01
N VAL A 114 10.08 8.20 13.11
CA VAL A 114 9.41 7.38 12.09
C VAL A 114 10.47 6.84 11.11
N GLN A 115 11.46 7.67 10.75
CA GLN A 115 12.55 7.16 9.93
C GLN A 115 13.42 6.11 10.64
N GLN A 116 13.63 6.25 11.95
CA GLN A 116 14.26 5.20 12.75
C GLN A 116 13.52 3.88 12.66
N ALA A 117 12.18 3.94 12.78
CA ALA A 117 11.31 2.76 12.61
C ALA A 117 11.50 2.17 11.19
N VAL A 118 11.49 3.04 10.19
CA VAL A 118 11.72 2.59 8.82
C VAL A 118 13.04 1.87 8.68
N ASP A 119 14.13 2.39 9.28
CA ASP A 119 15.42 1.73 9.20
C ASP A 119 15.34 0.34 9.80
N HIS A 120 14.64 0.19 10.93
CA HIS A 120 14.47 -1.14 11.52
C HIS A 120 13.62 -2.07 10.68
N VAL A 121 12.52 -1.59 10.13
CA VAL A 121 11.64 -2.38 9.22
C VAL A 121 12.46 -2.94 8.05
N LEU A 122 13.35 -2.12 7.52
CA LEU A 122 14.17 -2.48 6.35
C LEU A 122 15.16 -3.62 6.64
N THR A 123 15.45 -3.92 7.90
CA THR A 123 16.33 -5.04 8.21
C THR A 123 15.61 -6.39 8.16
N ALA A 124 14.26 -6.43 8.09
CA ALA A 124 13.54 -7.71 7.90
C ALA A 124 13.75 -8.14 6.44
N ASP A 125 13.49 -9.40 6.10
CA ASP A 125 13.73 -9.88 4.72
C ASP A 125 12.58 -9.69 3.70
N CYS A 126 11.43 -9.32 4.22
CA CYS A 126 10.17 -9.33 3.51
C CYS A 126 9.98 -8.05 2.69
N PRO A 127 9.00 -8.06 1.82
CA PRO A 127 8.64 -6.79 1.16
C PRO A 127 8.14 -5.77 2.18
N VAL A 128 8.44 -4.50 1.93
CA VAL A 128 8.06 -3.42 2.83
C VAL A 128 7.48 -2.30 2.02
N ILE A 129 6.36 -1.73 2.51
CA ILE A 129 5.72 -0.58 1.92
C ILE A 129 5.92 0.63 2.80
N LEU A 130 6.33 1.75 2.20
CA LEU A 130 6.46 3.01 2.87
C LEU A 130 5.46 3.98 2.23
N ASP A 131 4.67 4.63 3.07
CA ASP A 131 3.63 5.55 2.66
C ASP A 131 3.61 6.75 3.59
N ALA A 132 3.01 7.84 3.12
CA ALA A 132 2.63 8.99 3.97
C ALA A 132 3.82 9.45 4.80
N GLY A 133 3.72 9.42 6.12
CA GLY A 133 4.76 10.02 6.96
C GLY A 133 6.11 9.32 6.93
N ALA A 134 6.12 8.08 6.42
CA ALA A 134 7.34 7.32 6.20
C ALA A 134 8.08 7.71 4.95
N LEU A 135 7.47 8.51 4.08
CA LEU A 135 8.11 8.99 2.88
C LEU A 135 8.94 10.27 3.14
N ALA A 136 10.22 10.18 2.81
CA ALA A 136 11.17 11.26 3.05
C ALA A 136 12.24 11.30 1.96
N LYS A 137 13.00 12.40 1.92
CA LYS A 137 14.17 12.46 1.05
C LYS A 137 15.27 11.61 1.68
N ARG A 138 15.57 10.46 1.08
CA ARG A 138 16.54 9.53 1.70
C ARG A 138 16.94 8.48 0.69
N THR A 139 17.91 7.65 1.08
CA THR A 139 18.24 6.44 0.34
C THR A 139 17.91 5.18 1.15
N TYR A 140 18.10 4.01 0.52
CA TYR A 140 17.65 2.69 1.01
C TYR A 140 18.79 1.69 0.97
N PRO A 141 18.85 0.79 1.96
CA PRO A 141 19.96 -0.14 2.03
C PRO A 141 19.67 -1.37 1.18
N LYS A 142 20.74 -1.99 0.66
CA LYS A 142 20.57 -3.21 -0.13
C LYS A 142 20.00 -4.24 0.83
N ARG A 143 18.93 -4.92 0.40
CA ARG A 143 18.27 -5.91 1.25
C ARG A 143 17.60 -6.91 0.29
N GLU A 144 16.98 -7.98 0.78
CA GLU A 144 16.36 -8.96 -0.17
C GLU A 144 15.04 -8.50 -0.86
N GLY A 145 14.08 -8.19 -0.01
CA GLY A 145 12.75 -8.02 -0.44
C GLY A 145 12.59 -6.62 -1.00
N PRO A 146 11.57 -6.41 -1.82
CA PRO A 146 11.40 -5.07 -2.37
C PRO A 146 10.93 -4.04 -1.35
N VAL A 147 11.34 -2.79 -1.60
CA VAL A 147 10.80 -1.64 -0.90
C VAL A 147 9.88 -0.93 -1.85
N ILE A 148 8.64 -0.70 -1.42
CA ILE A 148 7.59 -0.13 -2.26
C ILE A 148 7.17 1.22 -1.68
N LEU A 149 7.44 2.29 -2.41
CA LEU A 149 7.08 3.65 -2.01
C LEU A 149 5.79 4.03 -2.71
N THR A 150 4.86 4.64 -1.98
CA THR A 150 3.57 4.96 -2.56
C THR A 150 3.23 6.48 -2.51
N PRO A 151 4.04 7.32 -3.15
CA PRO A 151 3.83 8.77 -3.02
C PRO A 151 2.70 9.29 -3.94
N HIS A 152 1.94 10.27 -3.44
CA HIS A 152 1.26 11.16 -4.35
C HIS A 152 2.24 12.24 -4.83
N PRO A 153 1.84 13.04 -5.82
CA PRO A 153 2.81 13.96 -6.40
C PRO A 153 3.51 14.89 -5.41
N GLY A 154 2.80 15.38 -4.39
CA GLY A 154 3.44 16.20 -3.36
C GLY A 154 4.49 15.49 -2.52
N GLU A 155 4.23 14.23 -2.19
CA GLU A 155 5.20 13.40 -1.49
C GLU A 155 6.39 13.08 -2.42
N PHE A 156 6.14 12.91 -3.72
CA PHE A 156 7.22 12.68 -4.66
C PHE A 156 8.15 13.90 -4.73
N PHE A 157 7.58 15.09 -4.68
CA PHE A 157 8.37 16.32 -4.52
C PHE A 157 9.22 16.32 -3.22
N ARG A 158 8.61 15.97 -2.09
CA ARG A 158 9.36 15.86 -0.83
C ARG A 158 10.52 14.90 -0.97
N MET A 159 10.32 13.79 -1.67
CA MET A 159 11.33 12.74 -1.81
C MET A 159 12.48 13.12 -2.78
N THR A 160 12.19 13.93 -3.79
CA THR A 160 13.11 14.09 -4.95
C THR A 160 13.54 15.52 -5.26
N GLY A 161 12.78 16.50 -4.78
CA GLY A 161 12.89 17.88 -5.21
C GLY A 161 12.33 18.17 -6.59
N VAL A 162 11.70 17.20 -7.27
CA VAL A 162 11.01 17.48 -8.57
C VAL A 162 9.71 18.19 -8.26
N PRO A 163 9.57 19.46 -8.69
CA PRO A 163 8.33 20.19 -8.42
C PRO A 163 7.12 19.52 -9.06
N VAL A 164 5.95 19.64 -8.41
CA VAL A 164 4.74 18.94 -8.82
C VAL A 164 4.33 19.34 -10.23
N ASN A 165 4.44 20.62 -10.54
CA ASN A 165 4.10 21.08 -11.88
C ASN A 165 4.98 20.49 -12.99
N GLU A 166 6.26 20.19 -12.70
CA GLU A 166 7.15 19.53 -13.66
C GLU A 166 6.89 18.03 -13.71
N LEU A 167 6.78 17.46 -12.52
CA LEU A 167 6.44 16.04 -12.36
C LEU A 167 5.25 15.67 -13.25
N GLN A 168 4.19 16.47 -13.18
CA GLN A 168 2.93 16.09 -13.81
C GLN A 168 2.96 16.08 -15.32
N LYS A 169 3.95 16.72 -15.92
CA LYS A 169 4.17 16.71 -17.35
C LYS A 169 4.82 15.45 -17.87
N LYS A 170 5.51 14.74 -16.99
CA LYS A 170 6.34 13.61 -17.37
C LYS A 170 6.32 12.53 -16.28
N ARG A 171 5.13 12.12 -15.86
CA ARG A 171 4.99 11.33 -14.63
C ARG A 171 5.75 10.00 -14.73
N ALA A 172 5.58 9.27 -15.84
CA ALA A 172 6.24 7.96 -15.93
C ALA A 172 7.77 8.08 -16.06
N GLU A 173 8.24 9.07 -16.80
CA GLU A 173 9.70 9.32 -16.93
C GLU A 173 10.32 9.60 -15.55
N TYR A 174 9.71 10.47 -14.74
CA TYR A 174 10.24 10.75 -13.39
C TYR A 174 10.13 9.55 -12.45
N ALA A 175 8.99 8.85 -12.50
CA ALA A 175 8.79 7.69 -11.65
C ALA A 175 9.83 6.63 -11.97
N LYS A 176 10.05 6.37 -13.25
CA LYS A 176 11.01 5.34 -13.68
C LYS A 176 12.43 5.71 -13.26
N GLU A 177 12.79 6.96 -13.53
CA GLU A 177 14.12 7.47 -13.16
C GLU A 177 14.43 7.33 -11.67
N TRP A 178 13.47 7.70 -10.84
CA TRP A 178 13.65 7.68 -9.40
C TRP A 178 13.51 6.27 -8.80
N ALA A 179 12.69 5.42 -9.40
CA ALA A 179 12.67 4.00 -8.99
C ALA A 179 14.04 3.36 -9.24
N ALA A 180 14.64 3.67 -10.37
CA ALA A 180 15.98 3.19 -10.69
C ALA A 180 17.00 3.78 -9.69
N GLN A 181 17.00 5.09 -9.51
CA GLN A 181 17.98 5.73 -8.63
C GLN A 181 17.91 5.22 -7.20
N LEU A 182 16.71 5.08 -6.67
CA LEU A 182 16.51 4.65 -5.30
C LEU A 182 16.55 3.12 -5.12
N GLN A 183 16.38 2.39 -6.23
CA GLN A 183 16.18 0.92 -6.23
C GLN A 183 15.02 0.53 -5.32
N THR A 184 13.92 1.24 -5.52
CA THR A 184 12.65 0.97 -4.88
C THR A 184 11.56 0.88 -5.97
N VAL A 185 10.48 0.18 -5.67
CA VAL A 185 9.27 0.29 -6.45
C VAL A 185 8.69 1.67 -6.13
N ILE A 186 8.15 2.35 -7.13
CA ILE A 186 7.42 3.59 -6.92
C ILE A 186 6.05 3.46 -7.53
N VAL A 187 5.01 3.56 -6.69
CA VAL A 187 3.64 3.68 -7.11
C VAL A 187 3.27 5.16 -7.00
N LEU A 188 3.35 5.85 -8.13
CA LEU A 188 3.12 7.30 -8.23
C LEU A 188 1.67 7.54 -8.51
N LYS A 189 0.98 7.95 -7.47
CA LYS A 189 -0.45 8.04 -7.51
C LYS A 189 -0.98 9.18 -8.36
N GLY A 190 -2.25 9.03 -8.70
CA GLY A 190 -2.99 9.99 -9.53
C GLY A 190 -3.81 9.24 -10.55
N ASN A 191 -4.56 9.96 -11.36
CA ASN A 191 -5.12 9.39 -12.58
C ASN A 191 -3.96 8.72 -13.36
N GLN A 192 -4.18 7.53 -13.90
CA GLN A 192 -3.13 6.73 -14.51
C GLN A 192 -1.90 6.62 -13.59
N THR A 193 -2.14 6.04 -12.42
CA THR A 193 -1.09 5.72 -11.45
C THR A 193 0.03 4.98 -12.17
N VAL A 194 1.25 5.38 -11.90
CA VAL A 194 2.44 4.74 -12.50
C VAL A 194 2.99 3.76 -11.50
N ILE A 195 3.26 2.52 -11.95
CA ILE A 195 3.92 1.52 -11.11
C ILE A 195 5.27 1.25 -11.77
N ALA A 196 6.30 1.83 -11.18
CA ALA A 196 7.67 1.75 -11.65
C ALA A 196 8.51 0.86 -10.79
N PHE A 197 9.11 -0.14 -11.44
CA PHE A 197 9.99 -1.10 -10.74
C PHE A 197 11.46 -0.78 -10.87
N PRO A 198 12.26 -1.16 -9.87
CA PRO A 198 13.70 -0.74 -9.93
C PRO A 198 14.50 -1.49 -10.98
N ASP A 199 13.93 -2.59 -11.53
CA ASP A 199 14.58 -3.28 -12.64
C ASP A 199 14.24 -2.69 -13.99
N GLY A 200 13.48 -1.59 -13.97
CA GLY A 200 13.10 -0.86 -15.17
C GLY A 200 11.73 -1.20 -15.77
N ASP A 201 11.10 -2.28 -15.30
CA ASP A 201 9.70 -2.55 -15.74
C ASP A 201 8.85 -1.39 -15.27
N CYS A 202 7.84 -1.04 -16.05
CA CYS A 202 6.93 0.02 -15.62
C CYS A 202 5.60 -0.18 -16.31
N TRP A 203 4.53 0.12 -15.56
CA TRP A 203 3.18 -0.01 -16.05
C TRP A 203 2.37 1.19 -15.61
N LEU A 204 1.29 1.42 -16.33
CA LEU A 204 0.23 2.32 -15.92
C LEU A 204 -1.01 1.56 -15.47
N ASN A 205 -1.72 2.15 -14.51
CA ASN A 205 -2.98 1.55 -14.06
C ASN A 205 -4.14 2.15 -14.83
N PRO A 206 -4.98 1.30 -15.44
CA PRO A 206 -6.08 1.80 -16.26
C PRO A 206 -7.38 2.07 -15.49
N THR A 207 -7.44 1.72 -14.21
CA THR A 207 -8.72 1.78 -13.47
C THR A 207 -8.76 2.99 -12.53
N GLY A 208 -9.97 3.29 -12.07
CA GLY A 208 -10.20 4.35 -11.13
C GLY A 208 -10.85 5.56 -11.77
N ASN A 209 -11.24 6.48 -10.92
CA ASN A 209 -11.88 7.73 -11.35
C ASN A 209 -11.85 8.74 -10.22
N GLY A 210 -12.48 9.90 -10.42
CA GLY A 210 -12.38 10.98 -9.45
C GLY A 210 -13.05 10.71 -8.12
N ALA A 211 -13.76 9.59 -8.00
CA ALA A 211 -14.34 9.21 -6.69
C ALA A 211 -13.22 8.96 -5.70
N LEU A 212 -12.03 8.63 -6.22
CA LEU A 212 -10.86 8.34 -5.38
C LEU A 212 -10.19 9.59 -4.85
N ALA A 213 -10.56 10.75 -5.41
CA ALA A 213 -9.90 12.01 -5.06
C ALA A 213 -10.47 12.60 -3.77
N LYS A 214 -10.25 11.87 -2.67
CA LYS A 214 -10.77 12.26 -1.36
C LYS A 214 -9.93 11.56 -0.31
N GLY A 215 -9.78 12.22 0.83
CA GLY A 215 -9.02 11.63 1.92
C GLY A 215 -9.35 10.21 2.26
N GLY A 216 -8.28 9.42 2.47
CA GLY A 216 -8.37 8.05 2.93
C GLY A 216 -8.19 6.98 1.89
N THR A 217 -8.35 7.32 0.62
CA THR A 217 -8.35 6.26 -0.38
C THR A 217 -6.94 5.70 -0.55
N GLY A 218 -5.91 6.51 -0.29
CA GLY A 218 -4.53 6.03 -0.33
C GLY A 218 -4.19 5.11 0.80
N ASP A 219 -4.76 5.37 2.00
CA ASP A 219 -4.59 4.49 3.15
C ASP A 219 -5.17 3.11 2.88
N THR A 220 -6.36 3.08 2.26
CA THR A 220 -6.97 1.85 1.84
C THR A 220 -6.04 1.10 0.85
N LEU A 221 -5.51 1.83 -0.12
CA LEU A 221 -4.60 1.22 -1.10
C LEU A 221 -3.37 0.63 -0.42
N THR A 222 -2.76 1.34 0.53
CA THR A 222 -1.60 0.77 1.21
C THR A 222 -1.94 -0.55 1.85
N GLY A 223 -3.08 -0.62 2.49
CA GLY A 223 -3.55 -1.87 3.11
C GLY A 223 -3.75 -2.96 2.05
N MET A 224 -4.35 -2.60 0.95
CA MET A 224 -4.58 -3.58 -0.12
C MET A 224 -3.27 -4.16 -0.65
N ILE A 225 -2.26 -3.30 -0.86
CA ILE A 225 -0.95 -3.80 -1.28
C ILE A 225 -0.37 -4.77 -0.24
N LEU A 226 -0.47 -4.40 1.05
CA LEU A 226 0.02 -5.19 2.14
C LEU A 226 -0.59 -6.60 2.15
N GLY A 227 -1.90 -6.69 2.04
CA GLY A 227 -2.54 -7.99 2.00
C GLY A 227 -2.14 -8.76 0.76
N MET A 228 -2.12 -8.09 -0.39
CA MET A 228 -1.86 -8.82 -1.65
C MET A 228 -0.44 -9.35 -1.69
N LEU A 229 0.48 -8.66 -1.04
CA LEU A 229 1.85 -9.15 -0.88
C LEU A 229 1.92 -10.47 -0.12
N CYS A 230 0.91 -10.73 0.70
CA CYS A 230 0.84 -11.96 1.45
C CYS A 230 0.28 -13.16 0.68
N CYS A 231 -0.56 -12.95 -0.31
CA CYS A 231 -1.17 -14.06 -1.02
C CYS A 231 -0.65 -14.23 -2.44
N HIS A 232 0.11 -13.28 -2.99
CA HIS A 232 0.78 -13.49 -4.28
C HIS A 232 2.21 -14.01 -4.08
N GLU A 233 2.62 -15.01 -4.84
CA GLU A 233 4.03 -15.40 -4.82
C GLU A 233 4.96 -14.31 -5.37
N ASP A 234 4.51 -13.58 -6.40
CA ASP A 234 5.33 -12.56 -7.05
C ASP A 234 4.90 -11.18 -6.54
N PRO A 235 5.75 -10.50 -5.74
CA PRO A 235 5.34 -9.21 -5.15
C PRO A 235 5.03 -8.14 -6.19
N LYS A 236 5.63 -8.26 -7.38
CA LYS A 236 5.31 -7.33 -8.48
C LYS A 236 3.82 -7.43 -8.84
N HIS A 237 3.33 -8.66 -9.00
CA HIS A 237 1.93 -8.86 -9.31
C HIS A 237 1.03 -8.40 -8.18
N ALA A 238 1.46 -8.59 -6.91
CA ALA A 238 0.69 -8.07 -5.78
C ALA A 238 0.44 -6.57 -5.89
N VAL A 239 1.51 -5.81 -6.15
CA VAL A 239 1.40 -4.36 -6.23
C VAL A 239 0.48 -3.99 -7.37
N LEU A 240 0.74 -4.58 -8.55
CA LEU A 240 -0.02 -4.22 -9.74
C LEU A 240 -1.51 -4.58 -9.57
N ASN A 241 -1.80 -5.76 -9.02
CA ASN A 241 -3.18 -6.14 -8.80
C ASN A 241 -3.89 -5.30 -7.77
N ALA A 242 -3.14 -4.88 -6.73
CA ALA A 242 -3.75 -4.04 -5.71
C ALA A 242 -4.16 -2.69 -6.28
N VAL A 243 -3.27 -2.07 -7.03
CA VAL A 243 -3.58 -0.79 -7.62
C VAL A 243 -4.77 -0.91 -8.60
N TYR A 244 -4.77 -1.96 -9.39
CA TYR A 244 -5.84 -2.20 -10.38
C TYR A 244 -7.18 -2.40 -9.67
N LEU A 245 -7.22 -3.35 -8.74
CA LEU A 245 -8.50 -3.66 -8.05
C LEU A 245 -9.04 -2.50 -7.23
N HIS A 246 -8.15 -1.72 -6.61
CA HIS A 246 -8.54 -0.52 -5.88
C HIS A 246 -9.30 0.45 -6.82
N GLY A 247 -8.77 0.68 -8.01
CA GLY A 247 -9.39 1.53 -8.98
C GLY A 247 -10.70 0.94 -9.49
N ALA A 248 -10.73 -0.37 -9.67
CA ALA A 248 -11.90 -1.05 -10.17
C ALA A 248 -13.07 -0.92 -9.21
N CYS A 249 -12.75 -0.90 -7.90
CA CYS A 249 -13.79 -0.71 -6.88
C CYS A 249 -14.47 0.65 -7.01
N ALA A 250 -13.70 1.69 -7.33
CA ALA A 250 -14.27 3.01 -7.55
C ALA A 250 -15.13 3.07 -8.78
N GLU A 251 -14.75 2.31 -9.80
CA GLU A 251 -15.57 2.21 -10.99
C GLU A 251 -16.89 1.49 -10.77
N LEU A 252 -16.88 0.44 -9.95
CA LEU A 252 -18.11 -0.25 -9.61
C LEU A 252 -19.01 0.71 -8.85
N TRP A 253 -18.45 1.45 -7.88
CA TRP A 253 -19.19 2.44 -7.14
C TRP A 253 -19.96 3.39 -8.04
N THR A 254 -19.30 3.94 -9.04
CA THR A 254 -19.91 5.02 -9.84
C THR A 254 -20.99 4.52 -10.80
N ASP A 255 -21.18 3.19 -10.89
CA ASP A 255 -22.27 2.68 -11.71
C ASP A 255 -23.64 3.17 -11.20
N GLU A 256 -23.83 3.18 -9.88
CA GLU A 256 -25.10 3.56 -9.29
C GLU A 256 -25.01 4.63 -8.21
N HIS A 257 -23.82 5.15 -8.01
CA HIS A 257 -23.58 6.18 -6.97
C HIS A 257 -22.74 7.32 -7.54
N SER A 258 -23.00 8.54 -7.09
CA SER A 258 -22.19 9.67 -7.57
C SER A 258 -20.75 9.60 -7.16
N ALA A 259 -19.86 9.93 -8.09
CA ALA A 259 -18.44 9.96 -7.79
C ALA A 259 -18.06 10.93 -6.67
N HIS A 260 -18.89 11.90 -6.38
CA HIS A 260 -18.61 12.85 -5.33
C HIS A 260 -18.78 12.27 -3.94
N THR A 261 -19.40 11.12 -3.83
CA THR A 261 -19.96 10.65 -2.51
C THR A 261 -19.30 9.40 -1.90
N LEU A 262 -18.28 8.82 -2.55
CA LEU A 262 -17.60 7.66 -2.04
C LEU A 262 -16.82 7.99 -0.75
N LEU A 263 -16.86 7.08 0.20
CA LEU A 263 -15.94 7.13 1.38
C LEU A 263 -14.96 5.96 1.21
N ALA A 264 -13.69 6.23 1.53
CA ALA A 264 -12.62 5.26 1.27
C ALA A 264 -12.90 3.89 1.80
N HIS A 265 -13.44 3.79 3.00
CA HIS A 265 -13.70 2.44 3.56
C HIS A 265 -14.61 1.59 2.73
N GLU A 266 -15.49 2.20 1.94
CA GLU A 266 -16.37 1.47 1.09
C GLU A 266 -15.63 0.73 -0.01
N LEU A 267 -14.45 1.22 -0.44
CA LEU A 267 -13.66 0.48 -1.39
C LEU A 267 -13.39 -0.95 -0.90
N SER A 268 -13.08 -1.07 0.38
CA SER A 268 -12.82 -2.34 1.04
C SER A 268 -14.04 -3.24 1.06
N ASP A 269 -15.20 -2.63 1.24
CA ASP A 269 -16.54 -3.31 1.32
C ASP A 269 -16.87 -3.82 -0.12
N ILE A 270 -16.40 -3.11 -1.18
CA ILE A 270 -16.71 -3.43 -2.61
C ILE A 270 -15.79 -4.51 -3.17
N LEU A 271 -14.58 -4.52 -2.66
CA LEU A 271 -13.54 -5.42 -3.13
C LEU A 271 -13.97 -6.88 -3.22
N PRO A 272 -14.67 -7.42 -2.19
CA PRO A 272 -15.10 -8.85 -2.30
C PRO A 272 -15.80 -9.19 -3.60
N ARG A 273 -16.72 -8.34 -4.01
CA ARG A 273 -17.48 -8.65 -5.25
C ARG A 273 -16.66 -8.35 -6.52
N VAL A 274 -15.85 -7.29 -6.49
CA VAL A 274 -15.02 -6.91 -7.60
C VAL A 274 -13.95 -7.96 -7.87
N TRP A 275 -13.30 -8.43 -6.82
CA TRP A 275 -12.25 -9.46 -6.96
C TRP A 275 -12.87 -10.75 -7.57
N LYS A 276 -14.07 -11.15 -7.14
CA LYS A 276 -14.74 -12.33 -7.66
C LYS A 276 -14.86 -12.31 -9.19
N ARG A 277 -15.16 -11.13 -9.70
CA ARG A 277 -15.34 -10.93 -11.15
C ARG A 277 -14.10 -11.25 -11.96
N PHE A 278 -12.92 -11.13 -11.33
CA PHE A 278 -11.62 -11.37 -11.98
C PHE A 278 -11.04 -12.77 -11.77
N GLU A 279 -11.85 -13.64 -11.14
CA GLU A 279 -11.46 -15.01 -10.85
C GLU A 279 -11.97 -15.92 -11.96
MG MG B . -1.59 9.07 1.06
N1 B6P C . -8.36 9.01 -10.78
C2 B6P C . -7.88 7.82 -10.37
N3 B6P C . -7.35 7.67 -9.13
C4 B6P C . -7.30 8.74 -8.32
C5 B6P C . -7.83 9.96 -8.68
C6 B6P C . -8.35 10.08 -9.96
N6 B6P C . -8.83 11.28 -10.34
N7 B6P C . -7.63 10.84 -7.63
C8 B6P C . -7.02 10.12 -6.64
N9 B6P C . -6.82 8.86 -7.06
PA B6P C . -3.41 9.48 -1.49
PB B6P C . -4.70 9.64 1.29
PD B6P C . -2.53 12.23 4.17
PE B6P C . -2.18 14.79 2.82
PG B6P C . -4.78 12.27 2.33
C11 B6P C . -6.22 7.73 -6.31
O1A B6P C . -3.16 10.75 -2.24
O1B B6P C . -3.30 9.60 1.81
O1D B6P C . -1.68 10.95 4.28
O1E B6P C . -3.25 15.15 3.85
O1G B6P C . -3.81 12.60 1.18
C21 B6P C . -4.72 7.77 -6.29
O21 B6P C . -4.10 7.22 -7.47
O2A B6P C . -2.27 8.83 -0.73
O2B B6P C . -5.55 8.49 1.76
O2D B6P C . -2.84 13.03 5.43
O2E B6P C . -2.63 14.85 1.37
O2G B6P C . -5.85 13.33 2.66
C31 B6P C . -4.48 7.02 -4.97
O31 B6P C . -4.56 5.59 -5.15
O3A B6P C . -4.63 9.82 -0.37
O3B B6P C . -5.52 10.91 1.85
O3D B6P C . -1.88 13.19 3.01
O3E B6P C . -0.88 15.52 3.07
O3G B6P C . -4.01 11.76 3.66
C41 B6P C . -5.58 7.53 -4.02
O41 B6P C . -6.61 7.89 -4.93
C51 B6P C . -5.17 8.79 -3.26
O51 B6P C . -4.16 8.37 -2.35
N1 B6P D . 9.12 -6.91 16.35
C2 B6P D . 8.04 -7.24 15.60
N3 B6P D . 6.82 -7.49 16.14
C4 B6P D . 6.70 -7.42 17.51
C5 B6P D . 7.80 -7.09 18.30
C6 B6P D . 9.03 -6.83 17.70
N6 B6P D . 10.14 -6.48 18.41
N7 B6P D . 7.38 -7.09 19.59
C8 B6P D . 6.07 -7.42 19.58
N9 B6P D . 5.64 -7.63 18.31
PA B6P D . 4.15 -8.12 22.82
C11 B6P D . 4.26 -8.01 17.86
O1A B6P D . 3.32 -9.15 23.57
C21 B6P D . 3.99 -9.51 17.72
O21 B6P D . 3.55 -9.79 16.37
O2A B6P D . 5.67 -8.16 22.90
C31 B6P D . 2.85 -9.84 18.65
O31 B6P D . 1.75 -10.34 17.88
O3A B6P D . 3.73 -6.58 23.16
C41 B6P D . 2.39 -8.54 19.27
O41 B6P D . 3.28 -7.52 18.79
C51 B6P D . 2.37 -8.53 20.81
O51 B6P D . 3.72 -8.35 21.25
#